data_4ZPO
#
_entry.id   4ZPO
#
_cell.length_a   108.637
_cell.length_b   108.637
_cell.length_c   96.614
_cell.angle_alpha   90.00
_cell.angle_beta   90.00
_cell.angle_gamma   90.00
#
_symmetry.space_group_name_H-M   'P 43 21 2'
#
loop_
_entity.id
_entity.type
_entity.pdbx_description
1 polymer 'MCG133388, isoform CRA_f'
2 branched alpha-L-fucopyranose-(1-6)-2-acetamido-2-deoxy-beta-D-glucopyranose
3 non-polymer 'CALCIUM ION'
4 non-polymer alpha-D-mannopyranose
5 non-polymer (4S)-2-METHYL-2,4-PENTANEDIOL
6 water water
#
_entity_poly.entity_id   1
_entity_poly.type   'polypeptide(L)'
_entity_poly.pdbx_seq_one_letter_code
;QLRYSVVEESEPGTLVGNVAQDLGLKGTDLLSRRLRLGSEENGRYFSLSLVSGALAVSQKIDRESLCGASTSCLLPVQVV
TEHPLELTRVEVEILDLNDNSPSFATPDREMRISESAAPGARFPLDSAQDPDVGTNTVSFYTLSPNSHFSLHVKTLKDGK
LFPELVLEQQLDRETQARHQLVLTAVDGGTPARSGTSLISVIVLDVNDNAPTFQSSVLRVGLPENTPPGTLLLRLNATDP
DEGTNGQLDYSFGDHTSETVKNLFGLDPSSGAIHVLGPVDFEESNFYEIHARARDQGQPAMEGHCVIQVDVGDANDHHHH
HHHH
;
_entity_poly.pdbx_strand_id   A
#
loop_
_chem_comp.id
_chem_comp.type
_chem_comp.name
_chem_comp.formula
CA non-polymer 'CALCIUM ION' 'Ca 2'
FUC L-saccharide, alpha linking alpha-L-fucopyranose 'C6 H12 O5'
MAN D-saccharide, alpha linking alpha-D-mannopyranose 'C6 H12 O6'
MPD non-polymer (4S)-2-METHYL-2,4-PENTANEDIOL 'C6 H14 O2'
NAG D-saccharide, beta linking 2-acetamido-2-deoxy-beta-D-glucopyranose 'C8 H15 N O6'
#
# COMPACT_ATOMS: atom_id res chain seq x y z
N GLN A 1 14.36 44.90 16.40
CA GLN A 1 14.84 46.13 15.78
C GLN A 1 13.96 46.51 14.60
N LEU A 2 14.23 45.92 13.43
CA LEU A 2 13.40 46.12 12.25
C LEU A 2 12.82 44.80 11.76
N ARG A 3 11.50 44.68 11.80
CA ARG A 3 10.84 43.45 11.39
C ARG A 3 9.91 43.69 10.20
N TYR A 4 10.14 42.94 9.13
CA TYR A 4 9.27 43.00 7.96
C TYR A 4 8.83 41.59 7.56
N SER A 5 7.85 41.51 6.68
CA SER A 5 7.36 40.23 6.20
C SER A 5 7.27 40.19 4.68
N VAL A 6 7.67 39.06 4.10
CA VAL A 6 7.58 38.89 2.65
C VAL A 6 7.11 37.46 2.34
N VAL A 7 6.23 37.34 1.34
CA VAL A 7 5.71 36.05 0.93
C VAL A 7 6.72 35.30 0.08
N GLU A 8 6.89 34.02 0.38
CA GLU A 8 7.77 33.14 -0.39
C GLU A 8 7.35 33.11 -1.86
N GLU A 9 8.33 32.89 -2.74
CA GLU A 9 8.09 32.76 -4.19
C GLU A 9 7.55 34.04 -4.83
N SER A 10 7.69 35.17 -4.14
CA SER A 10 7.26 36.44 -4.69
C SER A 10 8.21 36.90 -5.77
N GLU A 11 7.68 37.57 -6.79
CA GLU A 11 8.47 38.03 -7.92
C GLU A 11 9.49 39.10 -7.52
N PRO A 12 10.66 39.09 -8.17
CA PRO A 12 11.69 40.11 -7.95
C PRO A 12 11.17 41.53 -8.16
N GLY A 13 11.38 42.39 -7.17
CA GLY A 13 10.87 43.74 -7.22
C GLY A 13 9.78 43.95 -6.19
N THR A 14 9.40 42.86 -5.52
CA THR A 14 8.38 42.89 -4.48
C THR A 14 8.86 43.72 -3.29
N LEU A 15 8.00 44.62 -2.82
CA LEU A 15 8.33 45.44 -1.66
C LEU A 15 8.32 44.60 -0.39
N VAL A 16 9.24 44.90 0.52
CA VAL A 16 9.33 44.18 1.78
C VAL A 16 9.21 45.14 2.97
N GLY A 17 9.84 46.31 2.83
CA GLY A 17 9.79 47.32 3.87
C GLY A 17 10.53 48.59 3.49
N ASN A 18 10.13 49.70 4.08
CA ASN A 18 10.79 50.97 3.83
C ASN A 18 11.85 51.25 4.89
N VAL A 19 13.10 50.93 4.57
CA VAL A 19 14.21 51.08 5.49
C VAL A 19 14.50 52.56 5.79
N ALA A 20 14.46 53.38 4.74
CA ALA A 20 14.77 54.80 4.87
C ALA A 20 13.78 55.54 5.78
N GLN A 21 12.49 55.25 5.59
CA GLN A 21 11.44 55.91 6.36
C GLN A 21 11.46 55.49 7.81
N ASP A 22 11.66 54.20 8.05
CA ASP A 22 11.67 53.66 9.41
C ASP A 22 12.95 54.01 10.16
N LEU A 23 13.88 54.65 9.47
CA LEU A 23 15.15 55.06 10.08
C LEU A 23 15.24 56.57 10.22
N GLY A 24 14.35 57.28 9.55
CA GLY A 24 14.32 58.74 9.60
C GLY A 24 15.10 59.39 8.49
N LEU A 25 15.56 58.58 7.54
CA LEU A 25 16.32 59.08 6.40
C LEU A 25 15.39 59.56 5.29
N LYS A 26 15.56 60.81 4.88
CA LYS A 26 14.70 61.40 3.85
C LYS A 26 15.52 62.20 2.83
N GLY A 27 15.54 61.73 1.59
CA GLY A 27 16.18 62.46 0.52
C GLY A 27 17.69 62.29 0.44
N THR A 28 18.42 63.37 0.73
CA THR A 28 19.87 63.38 0.59
C THR A 28 20.55 62.50 1.65
N ASP A 29 19.83 62.20 2.73
CA ASP A 29 20.35 61.36 3.80
C ASP A 29 20.81 60.00 3.29
N LEU A 30 20.12 59.50 2.27
CA LEU A 30 20.42 58.19 1.70
C LEU A 30 21.79 58.16 1.03
N LEU A 31 22.19 59.29 0.47
CA LEU A 31 23.49 59.40 -0.18
C LEU A 31 24.59 59.85 0.77
N SER A 32 24.30 60.90 1.54
CA SER A 32 25.26 61.47 2.47
C SER A 32 25.72 60.48 3.53
N ARG A 33 24.79 59.66 4.01
CA ARG A 33 25.11 58.67 5.04
C ARG A 33 25.36 57.30 4.42
N ARG A 34 25.34 57.25 3.09
CA ARG A 34 25.66 56.03 2.34
C ARG A 34 24.83 54.82 2.77
N LEU A 35 23.55 54.83 2.43
CA LEU A 35 22.67 53.71 2.73
C LEU A 35 23.19 52.47 2.00
N ARG A 36 23.19 51.33 2.69
CA ARG A 36 23.95 50.18 2.21
C ARG A 36 23.55 48.88 2.93
N LEU A 37 23.56 47.78 2.18
CA LEU A 37 23.43 46.45 2.79
C LEU A 37 24.79 46.02 3.31
N GLY A 38 24.78 45.22 4.38
CA GLY A 38 26.01 44.80 5.05
C GLY A 38 27.07 44.21 4.14
N SER A 39 26.87 42.95 3.74
CA SER A 39 27.84 42.28 2.88
C SER A 39 27.22 41.89 1.54
N GLU A 40 28.03 41.29 0.68
CA GLU A 40 27.58 40.86 -0.65
C GLU A 40 26.56 39.73 -0.52
N GLU A 41 26.63 39.01 0.59
CA GLU A 41 25.71 37.89 0.85
C GLU A 41 24.31 38.41 1.15
N ASN A 42 24.24 39.55 1.83
CA ASN A 42 22.96 40.16 2.16
C ASN A 42 22.16 40.56 0.92
N GLY A 43 22.86 40.95 -0.13
CA GLY A 43 22.23 41.38 -1.36
C GLY A 43 21.93 40.25 -2.33
N ARG A 44 22.09 39.02 -1.87
CA ARG A 44 21.80 37.85 -2.70
C ARG A 44 20.32 37.76 -3.02
N TYR A 45 19.48 37.97 -2.01
CA TYR A 45 18.04 37.87 -2.18
C TYR A 45 17.35 39.24 -2.09
N PHE A 46 18.08 40.25 -1.62
CA PHE A 46 17.49 41.57 -1.43
C PHE A 46 18.26 42.69 -2.12
N SER A 47 17.61 43.84 -2.24
CA SER A 47 18.23 45.03 -2.81
C SER A 47 17.73 46.27 -2.10
N LEU A 48 18.65 47.11 -1.65
CA LEU A 48 18.30 48.34 -0.98
C LEU A 48 18.45 49.52 -1.94
N SER A 49 17.34 50.17 -2.27
CA SER A 49 17.34 51.26 -3.24
C SER A 49 17.85 52.57 -2.63
N LEU A 50 18.58 53.34 -3.44
CA LEU A 50 19.03 54.67 -3.03
C LEU A 50 18.00 55.73 -3.41
N VAL A 51 17.02 55.32 -4.21
CA VAL A 51 15.98 56.23 -4.67
C VAL A 51 14.77 56.20 -3.73
N SER A 52 14.11 55.06 -3.66
CA SER A 52 12.93 54.91 -2.82
C SER A 52 13.30 54.61 -1.37
N GLY A 53 14.50 54.06 -1.18
CA GLY A 53 14.95 53.68 0.15
C GLY A 53 14.27 52.43 0.64
N ALA A 54 13.63 51.72 -0.28
CA ALA A 54 12.85 50.54 0.06
C ALA A 54 13.65 49.26 -0.12
N LEU A 55 13.43 48.30 0.78
CA LEU A 55 14.06 46.99 0.68
C LEU A 55 13.19 46.07 -0.17
N ALA A 56 13.71 45.64 -1.31
CA ALA A 56 12.93 44.82 -2.24
C ALA A 56 13.57 43.46 -2.49
N VAL A 57 12.78 42.54 -3.03
CA VAL A 57 13.26 41.21 -3.37
C VAL A 57 14.13 41.23 -4.62
N SER A 58 15.39 40.82 -4.47
CA SER A 58 16.32 40.80 -5.58
C SER A 58 16.16 39.54 -6.42
N GLN A 59 16.13 38.39 -5.75
CA GLN A 59 15.95 37.12 -6.43
C GLN A 59 14.82 36.33 -5.76
N LYS A 60 14.12 35.53 -6.55
CA LYS A 60 13.01 34.71 -6.04
C LYS A 60 13.47 33.83 -4.88
N ILE A 61 12.76 33.92 -3.77
CA ILE A 61 13.15 33.24 -2.54
C ILE A 61 12.37 31.96 -2.31
N ASP A 62 13.09 30.86 -2.08
CA ASP A 62 12.46 29.58 -1.75
C ASP A 62 12.63 29.30 -0.26
N ARG A 63 11.51 29.32 0.47
CA ARG A 63 11.56 29.15 1.92
C ARG A 63 12.02 27.76 2.32
N GLU A 64 11.71 26.77 1.49
CA GLU A 64 12.10 25.39 1.77
C GLU A 64 13.61 25.19 1.64
N SER A 65 14.25 26.01 0.81
CA SER A 65 15.68 25.89 0.56
C SER A 65 16.51 26.58 1.64
N LEU A 66 15.93 27.58 2.29
CA LEU A 66 16.65 28.36 3.30
C LEU A 66 16.46 27.81 4.71
N CYS A 67 15.21 27.65 5.13
CA CYS A 67 14.92 27.24 6.50
C CYS A 67 14.58 25.77 6.63
N GLY A 68 14.12 25.17 5.53
CA GLY A 68 13.79 23.75 5.53
C GLY A 68 12.50 23.45 6.28
N ALA A 69 12.64 22.79 7.43
CA ALA A 69 11.49 22.38 8.22
C ALA A 69 11.36 23.20 9.49
N SER A 70 12.02 24.35 9.53
CA SER A 70 11.96 25.23 10.70
C SER A 70 10.57 25.84 10.85
N THR A 71 10.18 26.11 12.10
CA THR A 71 8.88 26.70 12.38
C THR A 71 8.76 28.10 11.77
N SER A 72 9.72 28.95 12.10
CA SER A 72 9.74 30.31 11.57
C SER A 72 11.02 30.57 10.78
N CYS A 73 10.88 31.21 9.63
CA CYS A 73 12.02 31.54 8.79
C CYS A 73 12.39 33.01 8.94
N LEU A 74 13.45 33.26 9.70
CA LEU A 74 13.90 34.63 9.97
C LEU A 74 15.21 34.93 9.25
N LEU A 75 15.13 35.71 8.18
CA LEU A 75 16.31 36.05 7.39
C LEU A 75 16.93 37.36 7.88
N PRO A 76 18.13 37.27 8.47
CA PRO A 76 18.81 38.46 9.01
C PRO A 76 19.64 39.20 7.97
N VAL A 77 19.39 40.50 7.82
CA VAL A 77 20.21 41.32 6.95
C VAL A 77 20.80 42.49 7.73
N GLN A 78 21.87 43.07 7.19
CA GLN A 78 22.64 44.09 7.89
C GLN A 78 22.59 45.41 7.13
N VAL A 79 22.05 46.44 7.78
CA VAL A 79 21.95 47.76 7.15
C VAL A 79 22.96 48.73 7.75
N VAL A 80 23.83 49.28 6.91
CA VAL A 80 24.91 50.14 7.36
C VAL A 80 24.73 51.58 6.92
N THR A 81 24.82 52.49 7.88
CA THR A 81 24.82 53.93 7.59
C THR A 81 26.04 54.58 8.23
N GLU A 82 26.61 55.56 7.55
CA GLU A 82 27.83 56.21 8.03
C GLU A 82 27.56 57.59 8.62
N HIS A 83 28.51 58.06 9.43
CA HIS A 83 28.48 59.39 10.03
C HIS A 83 27.17 59.70 10.78
N PRO A 84 27.03 59.13 11.99
CA PRO A 84 27.99 58.22 12.62
C PRO A 84 27.78 56.78 12.16
N LEU A 85 28.85 56.00 12.13
CA LEU A 85 28.79 54.62 11.70
C LEU A 85 27.91 53.79 12.63
N GLU A 86 26.66 53.61 12.26
CA GLU A 86 25.72 52.83 13.06
C GLU A 86 25.10 51.70 12.24
N LEU A 87 25.16 50.49 12.78
CA LEU A 87 24.66 49.31 12.08
C LEU A 87 23.29 48.92 12.62
N THR A 88 22.39 48.53 11.72
CA THR A 88 21.02 48.18 12.10
C THR A 88 20.67 46.77 11.66
N ARG A 89 20.19 45.97 12.61
CA ARG A 89 19.77 44.60 12.31
C ARG A 89 18.33 44.56 11.83
N VAL A 90 18.11 43.97 10.66
CA VAL A 90 16.77 43.85 10.10
C VAL A 90 16.40 42.38 9.91
N GLU A 91 15.30 41.97 10.52
CA GLU A 91 14.85 40.59 10.43
C GLU A 91 13.64 40.47 9.51
N VAL A 92 13.86 39.91 8.33
CA VAL A 92 12.79 39.71 7.36
C VAL A 92 12.25 38.28 7.42
N GLU A 93 11.01 38.14 7.87
CA GLU A 93 10.39 36.82 7.98
C GLU A 93 9.88 36.34 6.63
N ILE A 94 10.22 35.11 6.27
CA ILE A 94 9.77 34.51 5.02
C ILE A 94 8.52 33.68 5.27
N LEU A 95 7.36 34.23 4.92
CA LEU A 95 6.09 33.55 5.13
C LEU A 95 5.97 32.32 4.23
N ASP A 96 5.51 31.22 4.81
CA ASP A 96 5.42 29.96 4.08
C ASP A 96 4.26 29.93 3.10
N LEU A 97 4.52 29.41 1.91
CA LEU A 97 3.49 29.23 0.89
C LEU A 97 3.24 27.73 0.71
N ASN A 98 2.01 27.37 0.35
CA ASN A 98 1.67 25.96 0.16
C ASN A 98 1.86 25.53 -1.28
N ASP A 99 3.11 25.51 -1.74
CA ASP A 99 3.41 25.21 -3.13
C ASP A 99 4.10 23.86 -3.28
N ASN A 100 4.16 23.09 -2.20
CA ASN A 100 4.73 21.74 -2.25
C ASN A 100 3.67 20.67 -2.04
N SER A 101 3.77 19.59 -2.81
CA SER A 101 2.79 18.50 -2.75
C SER A 101 3.38 17.28 -2.04
N PRO A 102 2.55 16.57 -1.25
CA PRO A 102 2.94 15.36 -0.53
C PRO A 102 3.64 14.34 -1.42
N SER A 103 4.79 13.85 -0.97
CA SER A 103 5.64 12.99 -1.78
C SER A 103 5.88 11.63 -1.13
N PHE A 104 5.80 10.58 -1.93
CA PHE A 104 6.13 9.23 -1.48
C PHE A 104 7.48 8.82 -2.04
N ALA A 105 8.18 7.95 -1.32
CA ALA A 105 9.48 7.46 -1.75
C ALA A 105 9.35 6.66 -3.04
N THR A 106 8.29 5.87 -3.14
CA THR A 106 8.03 5.06 -4.32
C THR A 106 6.58 5.18 -4.76
N PRO A 107 6.34 5.32 -6.07
CA PRO A 107 4.99 5.48 -6.62
C PRO A 107 4.12 4.24 -6.43
N ASP A 108 4.75 3.07 -6.28
CA ASP A 108 4.01 1.83 -6.11
C ASP A 108 4.58 0.96 -4.99
N ARG A 109 3.70 0.21 -4.34
CA ARG A 109 4.07 -0.63 -3.21
C ARG A 109 3.44 -2.02 -3.34
N GLU A 110 4.26 -3.06 -3.17
CA GLU A 110 3.76 -4.43 -3.26
C GLU A 110 3.72 -5.09 -1.89
N MET A 111 2.63 -5.80 -1.62
CA MET A 111 2.46 -6.50 -0.35
C MET A 111 2.06 -7.96 -0.56
N ARG A 112 2.91 -8.87 -0.09
CA ARG A 112 2.61 -10.29 -0.14
C ARG A 112 1.99 -10.75 1.16
N ILE A 113 0.66 -10.76 1.21
CA ILE A 113 -0.07 -11.15 2.42
C ILE A 113 -0.64 -12.55 2.29
N SER A 114 -0.39 -13.39 3.30
CA SER A 114 -0.90 -14.75 3.31
C SER A 114 -2.43 -14.77 3.38
N GLU A 115 -3.02 -15.81 2.81
CA GLU A 115 -4.47 -15.96 2.80
C GLU A 115 -5.00 -16.24 4.21
N SER A 116 -4.11 -16.69 5.08
CA SER A 116 -4.48 -17.03 6.46
C SER A 116 -4.26 -15.87 7.41
N ALA A 117 -4.20 -14.66 6.87
CA ALA A 117 -4.01 -13.46 7.69
C ALA A 117 -5.28 -13.16 8.48
N ALA A 118 -5.17 -13.17 9.80
CA ALA A 118 -6.32 -12.93 10.67
C ALA A 118 -6.68 -11.45 10.72
N PRO A 119 -7.98 -11.15 10.92
CA PRO A 119 -8.44 -9.76 11.07
C PRO A 119 -7.76 -9.08 12.25
N GLY A 120 -7.49 -7.78 12.10
CA GLY A 120 -6.80 -7.03 13.14
C GLY A 120 -5.31 -6.91 12.84
N ALA A 121 -4.85 -7.67 11.86
CA ALA A 121 -3.45 -7.64 11.44
C ALA A 121 -3.08 -6.26 10.88
N ARG A 122 -2.00 -5.70 11.40
CA ARG A 122 -1.57 -4.37 10.98
C ARG A 122 -0.35 -4.43 10.06
N PHE A 123 -0.45 -3.76 8.92
CA PHE A 123 0.63 -3.72 7.94
C PHE A 123 1.08 -2.28 7.72
N PRO A 124 2.34 -1.98 8.09
CA PRO A 124 2.88 -0.61 8.01
C PRO A 124 2.97 -0.11 6.56
N LEU A 125 2.84 1.19 6.38
CA LEU A 125 2.90 1.81 5.05
C LEU A 125 3.95 2.91 5.00
N ASP A 126 4.48 3.16 3.80
CA ASP A 126 5.46 4.22 3.60
C ASP A 126 4.86 5.58 3.92
N SER A 127 5.58 6.38 4.69
CA SER A 127 5.11 7.70 5.08
C SER A 127 5.40 8.74 4.00
N ALA A 128 4.50 9.70 3.86
CA ALA A 128 4.66 10.75 2.87
C ALA A 128 5.39 11.96 3.45
N GLN A 129 5.90 12.81 2.58
CA GLN A 129 6.65 13.99 2.99
C GLN A 129 6.10 15.26 2.36
N ASP A 130 6.13 16.35 3.12
CA ASP A 130 5.70 17.66 2.63
C ASP A 130 6.57 18.73 3.27
N PRO A 131 7.57 19.23 2.52
CA PRO A 131 8.57 20.17 3.04
C PRO A 131 8.00 21.51 3.50
N ASP A 132 6.71 21.73 3.28
CA ASP A 132 6.06 22.95 3.77
C ASP A 132 5.93 22.90 5.29
N VAL A 133 5.55 24.03 5.88
CA VAL A 133 5.57 24.17 7.34
C VAL A 133 4.23 24.67 7.90
N GLY A 134 3.80 24.06 9.00
CA GLY A 134 2.58 24.46 9.67
C GLY A 134 1.43 23.55 9.29
N THR A 135 0.35 24.15 8.81
CA THR A 135 -0.78 23.37 8.33
C THR A 135 -0.57 22.94 6.90
N ASN A 136 0.40 23.58 6.23
CA ASN A 136 0.66 23.31 4.82
C ASN A 136 1.37 21.98 4.58
N THR A 137 1.79 21.32 5.65
CA THR A 137 2.41 20.00 5.53
C THR A 137 1.35 18.92 5.62
N VAL A 138 1.77 17.66 5.49
CA VAL A 138 0.87 16.50 5.49
C VAL A 138 -0.13 16.53 6.65
N SER A 139 -1.41 16.40 6.31
CA SER A 139 -2.48 16.50 7.30
C SER A 139 -3.12 15.14 7.61
N PHE A 140 -3.47 14.39 6.58
CA PHE A 140 -4.14 13.12 6.76
C PHE A 140 -3.99 12.19 5.57
N TYR A 141 -4.36 10.92 5.76
CA TYR A 141 -4.30 9.92 4.70
C TYR A 141 -5.68 9.35 4.40
N THR A 142 -5.88 8.90 3.17
CA THR A 142 -7.11 8.22 2.79
C THR A 142 -6.80 6.93 2.04
N LEU A 143 -7.65 5.92 2.22
CA LEU A 143 -7.50 4.66 1.51
C LEU A 143 -8.70 4.43 0.60
N SER A 144 -8.45 4.00 -0.63
CA SER A 144 -9.51 3.77 -1.60
C SER A 144 -10.50 2.73 -1.08
N PRO A 145 -11.80 2.99 -1.27
CA PRO A 145 -12.87 2.11 -0.80
C PRO A 145 -12.66 0.63 -1.15
N ASN A 146 -12.55 -0.22 -0.15
CA ASN A 146 -12.47 -1.66 -0.37
C ASN A 146 -13.44 -2.46 0.49
N SER A 147 -13.18 -3.76 0.61
CA SER A 147 -14.05 -4.64 1.39
C SER A 147 -13.26 -5.51 2.36
N HIS A 148 -11.96 -5.27 2.48
CA HIS A 148 -11.12 -6.10 3.32
C HIS A 148 -10.23 -5.30 4.28
N PHE A 149 -9.79 -4.12 3.85
CA PHE A 149 -8.83 -3.35 4.63
C PHE A 149 -9.41 -2.07 5.23
N SER A 150 -8.78 -1.60 6.30
CA SER A 150 -9.11 -0.33 6.92
C SER A 150 -7.82 0.48 7.13
N LEU A 151 -7.96 1.80 7.18
CA LEU A 151 -6.79 2.66 7.34
C LEU A 151 -6.71 3.24 8.75
N HIS A 152 -5.52 3.11 9.35
CA HIS A 152 -5.27 3.67 10.67
C HIS A 152 -4.02 4.53 10.65
N VAL A 153 -4.14 5.76 11.13
CA VAL A 153 -3.01 6.69 11.14
C VAL A 153 -2.51 6.95 12.57
N LYS A 154 -1.28 6.55 12.83
CA LYS A 154 -0.68 6.77 14.14
C LYS A 154 0.32 7.92 14.09
N THR A 155 0.10 8.92 14.93
CA THR A 155 1.01 10.05 15.02
C THR A 155 2.03 9.85 16.14
N LEU A 156 3.27 9.63 15.76
CA LEU A 156 4.32 9.31 16.72
C LEU A 156 5.40 10.39 16.80
N LYS A 157 6.12 10.40 17.92
CA LYS A 157 7.27 11.28 18.14
C LYS A 157 6.92 12.77 18.02
N ASP A 158 7.31 13.38 16.91
CA ASP A 158 7.23 14.83 16.75
C ASP A 158 5.96 15.27 16.05
N GLY A 159 4.98 14.36 15.95
CA GLY A 159 3.71 14.69 15.36
C GLY A 159 3.58 14.28 13.91
N LYS A 160 4.60 13.64 13.37
CA LYS A 160 4.53 13.15 12.00
C LYS A 160 3.64 11.91 11.95
N LEU A 161 3.06 11.64 10.79
CA LEU A 161 2.06 10.59 10.67
C LEU A 161 2.62 9.32 10.05
N PHE A 162 2.23 8.18 10.61
CA PHE A 162 2.58 6.88 10.06
C PHE A 162 1.33 6.04 9.81
N PRO A 163 0.95 5.88 8.54
CA PRO A 163 -0.23 5.12 8.15
C PRO A 163 0.03 3.61 8.11
N GLU A 164 -1.01 2.82 8.35
CA GLU A 164 -0.89 1.37 8.31
C GLU A 164 -2.21 0.72 7.90
N LEU A 165 -2.12 -0.43 7.26
CA LEU A 165 -3.31 -1.17 6.85
C LEU A 165 -3.83 -2.06 7.97
N VAL A 166 -5.14 -2.01 8.19
CA VAL A 166 -5.78 -2.90 9.18
C VAL A 166 -6.78 -3.80 8.48
N LEU A 167 -6.52 -5.12 8.55
CA LEU A 167 -7.39 -6.09 7.91
C LEU A 167 -8.71 -6.23 8.66
N GLU A 168 -9.82 -6.05 7.96
CA GLU A 168 -11.14 -6.15 8.58
C GLU A 168 -11.78 -7.51 8.32
N GLN A 169 -11.71 -7.97 7.07
CA GLN A 169 -12.27 -9.26 6.70
C GLN A 169 -11.20 -10.18 6.12
N GLN A 170 -11.38 -11.48 6.31
CA GLN A 170 -10.40 -12.47 5.87
C GLN A 170 -10.28 -12.51 4.35
N LEU A 171 -9.05 -12.50 3.87
CA LEU A 171 -8.79 -12.56 2.43
C LEU A 171 -9.04 -13.97 1.90
N ASP A 172 -9.40 -14.07 0.62
CA ASP A 172 -9.65 -15.35 -0.01
C ASP A 172 -9.12 -15.36 -1.45
N ARG A 173 -8.01 -16.07 -1.65
CA ARG A 173 -7.37 -16.13 -2.96
C ARG A 173 -8.27 -16.75 -4.02
N GLU A 174 -9.18 -17.62 -3.60
CA GLU A 174 -10.09 -18.29 -4.52
C GLU A 174 -11.10 -17.33 -5.15
N THR A 175 -11.31 -16.18 -4.51
CA THR A 175 -12.17 -15.15 -5.07
C THR A 175 -11.36 -14.18 -5.93
N GLN A 176 -10.35 -13.57 -5.32
CA GLN A 176 -9.42 -12.70 -6.03
C GLN A 176 -8.04 -12.75 -5.38
N ALA A 177 -7.02 -13.03 -6.20
CA ALA A 177 -5.66 -13.20 -5.68
C ALA A 177 -4.92 -11.87 -5.58
N ARG A 178 -5.60 -10.78 -5.95
CA ARG A 178 -4.98 -9.46 -5.93
C ARG A 178 -5.95 -8.35 -5.52
N HIS A 179 -5.44 -7.41 -4.74
CA HIS A 179 -6.19 -6.20 -4.39
C HIS A 179 -5.35 -4.97 -4.67
N GLN A 180 -5.93 -3.99 -5.35
CA GLN A 180 -5.23 -2.73 -5.61
C GLN A 180 -5.84 -1.59 -4.82
N LEU A 181 -5.04 -1.00 -3.94
CA LEU A 181 -5.50 0.11 -3.11
C LEU A 181 -4.69 1.37 -3.38
N VAL A 182 -5.32 2.53 -3.19
CA VAL A 182 -4.64 3.79 -3.42
C VAL A 182 -4.50 4.59 -2.13
N LEU A 183 -3.27 4.65 -1.60
CA LEU A 183 -2.99 5.43 -0.42
C LEU A 183 -2.72 6.89 -0.81
N THR A 184 -3.61 7.78 -0.40
CA THR A 184 -3.50 9.19 -0.76
C THR A 184 -3.15 10.04 0.46
N ALA A 185 -2.08 10.82 0.33
CA ALA A 185 -1.66 11.73 1.39
C ALA A 185 -2.05 13.16 1.07
N VAL A 186 -2.71 13.83 2.01
CA VAL A 186 -3.19 15.18 1.80
C VAL A 186 -2.66 16.15 2.85
N ASP A 187 -2.29 17.36 2.43
CA ASP A 187 -1.87 18.39 3.37
C ASP A 187 -3.07 19.22 3.80
N GLY A 188 -2.83 20.22 4.66
CA GLY A 188 -3.90 21.04 5.19
C GLY A 188 -3.87 22.47 4.68
N GLY A 189 -3.71 22.63 3.38
CA GLY A 189 -3.72 23.95 2.77
C GLY A 189 -5.02 24.22 2.04
N THR A 190 -5.18 25.47 1.58
CA THR A 190 -6.36 25.84 0.82
C THR A 190 -5.97 26.46 -0.51
N PRO A 191 -6.14 25.70 -1.61
CA PRO A 191 -6.70 24.35 -1.61
C PRO A 191 -5.66 23.28 -1.24
N ALA A 192 -6.13 22.11 -0.87
CA ALA A 192 -5.26 21.03 -0.43
C ALA A 192 -4.57 20.35 -1.61
N ARG A 193 -3.32 19.94 -1.38
CA ARG A 193 -2.55 19.26 -2.41
C ARG A 193 -2.26 17.82 -1.96
N SER A 194 -2.18 16.90 -2.90
CA SER A 194 -2.03 15.49 -2.55
C SER A 194 -1.02 14.72 -3.38
N GLY A 195 -0.70 13.51 -2.94
CA GLY A 195 0.17 12.60 -3.65
C GLY A 195 -0.28 11.18 -3.33
N THR A 196 -0.07 10.26 -4.27
CA THR A 196 -0.59 8.90 -4.11
C THR A 196 0.50 7.84 -4.07
N SER A 197 0.12 6.65 -3.65
CA SER A 197 0.99 5.48 -3.66
C SER A 197 0.14 4.24 -3.93
N LEU A 198 0.42 3.57 -5.04
CA LEU A 198 -0.39 2.44 -5.48
C LEU A 198 0.02 1.15 -4.78
N ILE A 199 -0.81 0.70 -3.84
CA ILE A 199 -0.55 -0.53 -3.10
C ILE A 199 -1.26 -1.72 -3.73
N SER A 200 -0.50 -2.70 -4.18
CA SER A 200 -1.06 -3.91 -4.76
C SER A 200 -0.84 -5.10 -3.84
N VAL A 201 -1.90 -5.54 -3.17
CA VAL A 201 -1.81 -6.66 -2.24
C VAL A 201 -1.86 -7.99 -2.98
N ILE A 202 -0.80 -8.77 -2.83
CA ILE A 202 -0.74 -10.11 -3.42
C ILE A 202 -1.13 -11.16 -2.39
N VAL A 203 -2.28 -11.79 -2.61
CA VAL A 203 -2.76 -12.81 -1.69
C VAL A 203 -2.06 -14.15 -1.97
N LEU A 204 -1.19 -14.54 -1.04
CA LEU A 204 -0.48 -15.81 -1.15
C LEU A 204 -1.40 -16.97 -0.81
N ASP A 205 -1.20 -18.11 -1.45
CA ASP A 205 -2.10 -19.24 -1.30
C ASP A 205 -1.90 -19.99 0.02
N VAL A 206 -3.01 -20.43 0.60
CA VAL A 206 -3.00 -21.28 1.78
C VAL A 206 -3.99 -22.43 1.54
N ASN A 207 -3.61 -23.65 1.91
CA ASN A 207 -4.49 -24.79 1.73
C ASN A 207 -5.74 -24.67 2.61
N ASP A 208 -6.72 -23.92 2.13
CA ASP A 208 -7.96 -23.73 2.88
C ASP A 208 -9.15 -24.33 2.12
N ASN A 209 -8.87 -25.31 1.28
CA ASN A 209 -9.91 -26.01 0.54
C ASN A 209 -9.64 -27.50 0.47
N ALA A 210 -10.72 -28.29 0.58
CA ALA A 210 -10.62 -29.73 0.46
C ALA A 210 -11.16 -30.19 -0.88
N PRO A 211 -10.57 -31.25 -1.46
CA PRO A 211 -11.07 -31.81 -2.72
C PRO A 211 -12.54 -32.21 -2.60
N THR A 212 -13.28 -32.05 -3.68
CA THR A 212 -14.69 -32.39 -3.68
C THR A 212 -15.08 -33.14 -4.97
N PHE A 213 -15.64 -34.32 -4.81
CA PHE A 213 -16.07 -35.11 -5.95
C PHE A 213 -17.31 -34.48 -6.59
N GLN A 214 -17.49 -34.76 -7.88
CA GLN A 214 -18.62 -34.22 -8.63
C GLN A 214 -19.95 -34.66 -8.03
N SER A 215 -19.95 -35.85 -7.44
CA SER A 215 -21.13 -36.38 -6.75
C SER A 215 -20.75 -36.96 -5.40
N SER A 216 -21.56 -36.69 -4.39
CA SER A 216 -21.33 -37.22 -3.06
C SER A 216 -21.57 -38.72 -3.02
N VAL A 217 -22.59 -39.16 -3.75
CA VAL A 217 -22.93 -40.58 -3.85
C VAL A 217 -23.22 -40.95 -5.30
N LEU A 218 -22.55 -41.99 -5.79
CA LEU A 218 -22.78 -42.45 -7.16
C LEU A 218 -23.23 -43.91 -7.18
N ARG A 219 -24.32 -44.16 -7.89
CA ARG A 219 -24.86 -45.51 -8.04
C ARG A 219 -24.81 -45.96 -9.49
N VAL A 220 -24.03 -47.01 -9.76
CA VAL A 220 -23.94 -47.57 -11.10
C VAL A 220 -24.22 -49.06 -11.08
N GLY A 221 -24.43 -49.63 -12.27
CA GLY A 221 -24.70 -51.05 -12.39
C GLY A 221 -23.91 -51.69 -13.52
N LEU A 222 -23.38 -52.87 -13.26
CA LEU A 222 -22.64 -53.60 -14.29
C LEU A 222 -23.24 -55.00 -14.48
N PRO A 223 -23.24 -55.48 -15.73
CA PRO A 223 -23.75 -56.82 -16.04
C PRO A 223 -23.00 -57.93 -15.32
N GLU A 224 -23.60 -59.10 -15.24
CA GLU A 224 -22.98 -60.25 -14.60
C GLU A 224 -21.75 -60.72 -15.38
N ASN A 225 -21.77 -60.48 -16.68
CA ASN A 225 -20.69 -60.94 -17.56
C ASN A 225 -19.73 -59.82 -17.96
N THR A 226 -19.50 -58.89 -17.05
CA THR A 226 -18.57 -57.79 -17.31
C THR A 226 -17.13 -58.30 -17.36
N PRO A 227 -16.49 -58.19 -18.53
CA PRO A 227 -15.13 -58.71 -18.74
C PRO A 227 -14.07 -57.88 -18.02
N PRO A 228 -12.97 -58.52 -17.62
CA PRO A 228 -11.84 -57.84 -16.98
C PRO A 228 -11.25 -56.74 -17.85
N GLY A 229 -11.02 -55.57 -17.27
CA GLY A 229 -10.45 -54.45 -18.01
C GLY A 229 -11.47 -53.38 -18.35
N THR A 230 -12.74 -53.68 -18.12
CA THR A 230 -13.81 -52.74 -18.42
C THR A 230 -13.81 -51.57 -17.43
N LEU A 231 -13.86 -50.36 -17.95
CA LEU A 231 -13.91 -49.16 -17.12
C LEU A 231 -15.28 -49.02 -16.46
N LEU A 232 -15.29 -48.92 -15.13
CA LEU A 232 -16.53 -48.71 -14.40
C LEU A 232 -16.95 -47.25 -14.46
N LEU A 233 -16.05 -46.38 -14.02
CA LEU A 233 -16.28 -44.94 -14.05
C LEU A 233 -14.98 -44.19 -13.75
N ARG A 234 -14.86 -42.98 -14.30
CA ARG A 234 -13.70 -42.14 -14.00
C ARG A 234 -14.10 -41.06 -13.01
N LEU A 235 -13.50 -41.11 -11.82
CA LEU A 235 -13.80 -40.16 -10.76
C LEU A 235 -13.34 -38.75 -11.12
N ASN A 236 -14.00 -37.75 -10.52
CA ASN A 236 -13.69 -36.35 -10.81
C ASN A 236 -13.73 -35.50 -9.56
N ALA A 237 -12.56 -35.23 -8.99
CA ALA A 237 -12.47 -34.37 -7.81
C ALA A 237 -11.77 -33.06 -8.16
N THR A 238 -12.32 -31.96 -7.70
CA THR A 238 -11.76 -30.64 -7.99
C THR A 238 -11.21 -29.98 -6.74
N ASP A 239 -10.16 -29.18 -6.91
CA ASP A 239 -9.56 -28.44 -5.82
C ASP A 239 -9.10 -27.07 -6.31
N PRO A 240 -9.71 -26.00 -5.78
CA PRO A 240 -9.48 -24.63 -6.25
C PRO A 240 -8.15 -24.02 -5.80
N ASP A 241 -7.44 -24.71 -4.90
CA ASP A 241 -6.18 -24.18 -4.36
C ASP A 241 -5.07 -24.23 -5.40
N GLU A 242 -4.01 -23.46 -5.14
CA GLU A 242 -2.92 -23.28 -6.09
C GLU A 242 -1.79 -24.29 -5.89
N GLY A 243 -1.22 -24.75 -7.00
CA GLY A 243 -0.07 -25.63 -6.97
C GLY A 243 -0.34 -27.00 -6.39
N THR A 244 0.56 -27.45 -5.52
CA THR A 244 0.43 -28.76 -4.87
C THR A 244 -0.79 -28.81 -3.96
N ASN A 245 -1.22 -27.65 -3.49
CA ASN A 245 -2.42 -27.56 -2.67
C ASN A 245 -3.67 -27.87 -3.48
N GLY A 246 -3.55 -27.82 -4.80
CA GLY A 246 -4.67 -28.08 -5.69
C GLY A 246 -4.64 -29.45 -6.33
N GLN A 247 -3.45 -30.06 -6.38
CA GLN A 247 -3.30 -31.39 -6.94
C GLN A 247 -3.73 -32.45 -5.93
N LEU A 248 -4.30 -33.55 -6.42
CA LEU A 248 -4.86 -34.56 -5.54
C LEU A 248 -4.54 -35.99 -5.97
N ASP A 249 -4.69 -36.92 -5.03
CA ASP A 249 -4.48 -38.34 -5.29
C ASP A 249 -5.73 -39.14 -4.93
N TYR A 250 -6.11 -40.08 -5.80
CA TYR A 250 -7.25 -40.94 -5.55
C TYR A 250 -6.83 -42.24 -4.85
N SER A 251 -7.69 -42.74 -3.98
CA SER A 251 -7.45 -44.01 -3.29
C SER A 251 -8.72 -44.53 -2.63
N PHE A 252 -8.76 -45.83 -2.36
CA PHE A 252 -9.87 -46.43 -1.62
C PHE A 252 -9.86 -45.94 -0.18
N GLY A 253 -10.96 -46.17 0.53
CA GLY A 253 -11.01 -45.92 1.96
C GLY A 253 -10.03 -46.82 2.66
N ASP A 254 -9.46 -46.35 3.77
CA ASP A 254 -8.42 -47.10 4.47
C ASP A 254 -8.90 -48.46 4.97
N HIS A 255 -10.20 -48.61 5.18
CA HIS A 255 -10.76 -49.86 5.65
C HIS A 255 -11.64 -50.52 4.59
N THR A 256 -11.30 -50.31 3.32
CA THR A 256 -12.00 -50.96 2.23
C THR A 256 -11.74 -52.47 2.29
N SER A 257 -12.80 -53.26 2.08
CA SER A 257 -12.70 -54.71 2.11
C SER A 257 -11.69 -55.23 1.09
N GLU A 258 -11.04 -56.35 1.42
CA GLU A 258 -10.06 -56.94 0.54
C GLU A 258 -10.74 -57.49 -0.73
N THR A 259 -12.00 -57.87 -0.58
CA THR A 259 -12.79 -58.36 -1.70
C THR A 259 -12.95 -57.28 -2.77
N VAL A 260 -13.25 -56.07 -2.32
CA VAL A 260 -13.41 -54.93 -3.22
C VAL A 260 -12.10 -54.59 -3.91
N LYS A 261 -11.01 -54.63 -3.14
CA LYS A 261 -9.69 -54.29 -3.68
C LYS A 261 -9.19 -55.35 -4.66
N ASN A 262 -9.65 -56.59 -4.49
CA ASN A 262 -9.30 -57.66 -5.40
C ASN A 262 -10.14 -57.62 -6.69
N LEU A 263 -11.34 -57.06 -6.59
CA LEU A 263 -12.21 -56.92 -7.74
C LEU A 263 -11.91 -55.65 -8.53
N PHE A 264 -11.89 -54.52 -7.84
CA PHE A 264 -11.73 -53.22 -8.49
C PHE A 264 -10.34 -52.64 -8.24
N GLY A 265 -9.89 -51.79 -9.17
CA GLY A 265 -8.61 -51.12 -9.03
C GLY A 265 -8.65 -49.74 -9.66
N LEU A 266 -8.42 -48.72 -8.85
CA LEU A 266 -8.47 -47.35 -9.33
C LEU A 266 -7.07 -46.80 -9.63
N ASP A 267 -6.99 -45.96 -10.65
CA ASP A 267 -5.76 -45.24 -10.96
C ASP A 267 -5.71 -43.97 -10.12
N PRO A 268 -4.73 -43.90 -9.20
CA PRO A 268 -4.59 -42.76 -8.28
C PRO A 268 -4.46 -41.42 -8.98
N SER A 269 -4.04 -41.43 -10.24
CA SER A 269 -3.86 -40.19 -11.00
C SER A 269 -5.13 -39.81 -11.77
N SER A 270 -5.60 -40.70 -12.62
CA SER A 270 -6.74 -40.40 -13.49
C SER A 270 -8.07 -40.58 -12.78
N GLY A 271 -8.09 -41.41 -11.73
CA GLY A 271 -9.31 -41.68 -10.99
C GLY A 271 -10.16 -42.71 -11.68
N ALA A 272 -9.60 -43.38 -12.68
CA ALA A 272 -10.32 -44.40 -13.43
C ALA A 272 -10.44 -45.70 -12.64
N ILE A 273 -11.67 -46.18 -12.48
CA ILE A 273 -11.91 -47.43 -11.76
C ILE A 273 -12.22 -48.57 -12.73
N HIS A 274 -11.39 -49.61 -12.68
CA HIS A 274 -11.56 -50.76 -13.56
C HIS A 274 -11.98 -52.00 -12.81
N VAL A 275 -12.82 -52.82 -13.43
CA VAL A 275 -13.13 -54.14 -12.89
C VAL A 275 -12.12 -55.14 -13.43
N LEU A 276 -11.50 -55.90 -12.54
CA LEU A 276 -10.40 -56.77 -12.91
C LEU A 276 -10.66 -58.22 -12.57
N GLY A 277 -11.65 -58.45 -11.70
CA GLY A 277 -11.99 -59.79 -11.28
C GLY A 277 -13.35 -60.25 -11.78
N PRO A 278 -13.68 -61.52 -11.51
CA PRO A 278 -14.96 -62.11 -11.91
C PRO A 278 -16.11 -61.73 -10.98
N VAL A 279 -17.32 -61.63 -11.52
CA VAL A 279 -18.50 -61.31 -10.72
C VAL A 279 -19.71 -62.12 -11.17
N ASP A 280 -20.46 -62.64 -10.21
CA ASP A 280 -21.72 -63.31 -10.50
C ASP A 280 -22.81 -62.85 -9.54
N PHE A 281 -24.01 -63.39 -9.71
CA PHE A 281 -25.13 -63.03 -8.86
C PHE A 281 -25.04 -63.67 -7.48
N GLU A 282 -24.35 -64.81 -7.41
CA GLU A 282 -24.28 -65.59 -6.18
C GLU A 282 -23.29 -65.01 -5.17
N GLU A 283 -22.14 -64.55 -5.65
CA GLU A 283 -21.10 -64.00 -4.80
C GLU A 283 -21.61 -62.84 -3.95
N SER A 284 -22.08 -61.80 -4.63
CA SER A 284 -22.67 -60.65 -3.96
C SER A 284 -23.43 -59.81 -4.97
N ASN A 285 -24.64 -59.39 -4.62
CA ASN A 285 -25.49 -58.62 -5.53
C ASN A 285 -25.10 -57.14 -5.58
N PHE A 286 -24.21 -56.73 -4.70
CA PHE A 286 -23.82 -55.32 -4.63
C PHE A 286 -22.46 -55.10 -3.97
N TYR A 287 -21.81 -54.01 -4.35
CA TYR A 287 -20.55 -53.61 -3.74
C TYR A 287 -20.56 -52.10 -3.48
N GLU A 288 -20.11 -51.70 -2.30
CA GLU A 288 -20.10 -50.28 -1.93
C GLU A 288 -18.67 -49.76 -1.79
N ILE A 289 -18.17 -49.15 -2.87
CA ILE A 289 -16.80 -48.66 -2.92
C ILE A 289 -16.66 -47.27 -2.30
N HIS A 290 -15.71 -47.12 -1.39
CA HIS A 290 -15.42 -45.85 -0.76
C HIS A 290 -14.22 -45.17 -1.41
N ALA A 291 -14.47 -44.09 -2.14
CA ALA A 291 -13.40 -43.36 -2.82
C ALA A 291 -12.93 -42.18 -1.98
N ARG A 292 -11.67 -41.77 -2.18
CA ARG A 292 -11.08 -40.71 -1.39
C ARG A 292 -10.11 -39.87 -2.21
N ALA A 293 -10.26 -38.55 -2.15
CA ALA A 293 -9.39 -37.64 -2.87
C ALA A 293 -8.45 -36.90 -1.93
N ARG A 294 -7.23 -37.42 -1.78
CA ARG A 294 -6.24 -36.85 -0.88
C ARG A 294 -5.52 -35.66 -1.50
N ASP A 295 -5.40 -34.58 -0.73
CA ASP A 295 -4.67 -33.39 -1.18
C ASP A 295 -3.17 -33.61 -1.09
N GLN A 296 -2.39 -32.66 -1.59
CA GLN A 296 -0.93 -32.75 -1.51
C GLN A 296 -0.34 -31.57 -0.74
N GLY A 297 -1.19 -30.82 -0.06
CA GLY A 297 -0.74 -29.68 0.72
C GLY A 297 -0.45 -30.05 2.17
N GLN A 298 0.04 -29.07 2.92
CA GLN A 298 0.35 -29.27 4.33
C GLN A 298 -0.35 -28.22 5.19
N PRO A 299 -1.35 -28.63 5.99
CA PRO A 299 -1.84 -30.01 6.14
C PRO A 299 -2.64 -30.50 4.94
N ALA A 300 -2.79 -31.82 4.84
CA ALA A 300 -3.50 -32.42 3.71
C ALA A 300 -5.01 -32.39 3.93
N MET A 301 -5.74 -32.09 2.87
CA MET A 301 -7.20 -32.11 2.91
C MET A 301 -7.72 -33.30 2.11
N GLU A 302 -8.99 -33.65 2.28
CA GLU A 302 -9.54 -34.78 1.55
C GLU A 302 -11.06 -34.72 1.37
N GLY A 303 -11.53 -35.28 0.27
CA GLY A 303 -12.96 -35.41 0.01
C GLY A 303 -13.32 -36.87 -0.10
N HIS A 304 -14.61 -37.17 -0.11
CA HIS A 304 -15.05 -38.56 -0.11
C HIS A 304 -16.25 -38.80 -1.03
N CYS A 305 -16.21 -39.91 -1.76
CA CYS A 305 -17.29 -40.32 -2.63
C CYS A 305 -17.59 -41.79 -2.46
N VAL A 306 -18.83 -42.11 -2.10
CA VAL A 306 -19.24 -43.50 -1.95
C VAL A 306 -19.87 -43.99 -3.25
N ILE A 307 -19.29 -45.05 -3.82
CA ILE A 307 -19.79 -45.61 -5.07
C ILE A 307 -20.54 -46.91 -4.83
N GLN A 308 -21.82 -46.92 -5.20
CA GLN A 308 -22.64 -48.12 -5.06
C GLN A 308 -22.69 -48.89 -6.37
N VAL A 309 -22.15 -50.10 -6.36
CA VAL A 309 -22.09 -50.93 -7.56
C VAL A 309 -23.10 -52.07 -7.49
N ASP A 310 -24.08 -52.04 -8.39
CA ASP A 310 -25.12 -53.08 -8.44
C ASP A 310 -24.84 -54.08 -9.55
N VAL A 311 -25.07 -55.36 -9.26
CA VAL A 311 -24.87 -56.41 -10.25
C VAL A 311 -26.01 -57.41 -10.22
C1 NAG B . -15.26 -32.25 -12.93
C2 NAG B . -15.67 -32.16 -14.41
C3 NAG B . -15.68 -30.71 -14.90
C4 NAG B . -16.51 -29.83 -13.98
C5 NAG B . -15.98 -29.97 -12.55
C6 NAG B . -16.73 -29.14 -11.55
C7 NAG B . -13.50 -32.79 -15.41
C8 NAG B . -12.80 -33.74 -16.33
N2 NAG B . -14.81 -32.98 -15.26
O3 NAG B . -16.23 -30.70 -16.21
O4 NAG B . -16.40 -28.48 -14.37
O5 NAG B . -16.08 -31.34 -12.14
O6 NAG B . -18.05 -29.61 -11.33
O7 NAG B . -12.89 -31.90 -14.81
C1 FUC B . -18.64 -28.76 -10.33
C2 FUC B . -20.14 -29.08 -10.21
C3 FUC B . -20.32 -30.42 -9.51
C4 FUC B . -19.60 -30.43 -8.15
C5 FUC B . -18.12 -30.05 -8.34
C6 FUC B . -17.39 -29.84 -7.03
O2 FUC B . -20.78 -29.09 -11.48
O3 FUC B . -21.71 -30.66 -9.25
O4 FUC B . -20.22 -29.52 -7.26
O5 FUC B . -17.98 -28.82 -9.09
CA CA C . -6.75 -27.98 -1.37
CA CA D . -9.82 -18.79 1.67
CA CA E . -6.33 -21.35 -0.99
CA CA F . 2.15 21.37 1.05
CA CA G . 6.54 26.54 0.90
CA CA H . 8.84 26.46 -2.38
C1 MAN I . -5.30 14.32 -3.91
C2 MAN I . -5.58 14.47 -5.41
C3 MAN I . -5.91 15.92 -5.74
C4 MAN I . -7.03 16.45 -4.83
C5 MAN I . -6.63 16.27 -3.36
C6 MAN I . -7.73 16.68 -2.40
O2 MAN I . -6.74 13.71 -5.80
O3 MAN I . -6.27 16.09 -7.12
O4 MAN I . -7.24 17.84 -5.09
O5 MAN I . -6.33 14.88 -3.11
O6 MAN I . -7.46 16.06 -1.15
C1 MAN J . -0.83 7.45 -7.18
C2 MAN J . 0.30 7.57 -8.23
C3 MAN J . -0.19 8.34 -9.47
C4 MAN J . -1.56 7.84 -9.94
C5 MAN J . -2.56 7.88 -8.78
C6 MAN J . -3.93 7.37 -9.15
O2 MAN J . 0.72 6.28 -8.70
O3 MAN J . 0.75 8.26 -10.54
O4 MAN J . -2.03 8.65 -11.00
O5 MAN J . -2.06 7.04 -7.72
O6 MAN J . -4.08 6.05 -8.61
C1 MPD K . 25.82 46.99 -2.33
C2 MPD K . 26.02 45.86 -1.31
O2 MPD K . 25.59 46.33 -0.01
CM MPD K . 25.17 44.66 -1.71
C3 MPD K . 27.48 45.47 -1.24
C4 MPD K . 28.28 46.44 -0.37
O4 MPD K . 27.89 46.28 0.98
C5 MPD K . 29.77 46.18 -0.50
#